data_9PQ5
#
_entry.id   9PQ5
#
_cell.length_a   99.139
_cell.length_b   137.018
_cell.length_c   38.524
_cell.angle_alpha   90.00
_cell.angle_beta   90.00
_cell.angle_gamma   90.00
#
_symmetry.space_group_name_H-M   'P 21 21 2'
#
loop_
_entity.id
_entity.type
_entity.pdbx_description
1 polymer 'Maltose/maltodextrin-binding periplasmic protein,Induced myeloid leukemia cell differentiation protein Mcl-1'
2 branched alpha-D-glucopyranose-(1-4)-alpha-D-glucopyranose
3 non-polymer '17-chloranyl-5,13,14,22-tetramethyl-28-oxa-2,9-dithia-5,6,12,13,24-pentazaheptacyclo[27.7.1.1^{4,7}.0^{11,15}.0^{16,21}.0^{20,24}.0^{30,35}]octatriaconta-1(36),4(38),6,11,14,16,18,20,22,29(37),30(35),31,33-tridecaene-23-carboxylic acid'
4 water water
#
_entity_poly.entity_id   1
_entity_poly.type   'polypeptide(L)'
_entity_poly.pdbx_seq_one_letter_code
;GKIEEGKLVIWINGDKGYNGLAEVGKKFEKDTGIKVTVEHPDKLEEKFPQVAATGDGPDIIFWAHDRFGGYAQSGLLAEI
TPDKAFQDKLYPFTWDAVRYNGKLIAYPIAVEALSLIYNKDLLPNPPKTWEEIPALDKELKAKGKSALMFNLQEPYFTWP
LIAADGGYAFKYENGKYDIKDVGVDNAGAKAGLTFLVDLIKNKHMNADTDYSIAEAAFNKGETAMTINGPWAWSNIDTSK
VNYGVTVLPTFKGQPSKPFVGVLSAGINAASPNKELAKEFLENYLLTDEGLEAVNKDKPLGAVALKSYEEELAKDPRIAA
TMENAQKGEIMPNIPQMSAFWYAVRTAVINAASGRQTVDEALKDAQTGSELYRQSLEIISRYLREQATGAADTAPMGASG
ATSRKALETLRRVGDGVQRNHETAFQGMLRKLDIKNEDDVKSLSRVMIHVFSDGVTNWGRIVTLISFGAFVAKHLKTINQ
ESCIEPLAESITDVLVRTKRDWLVKQRGWDGFVEFFHV
;
_entity_poly.pdbx_strand_id   A
#
loop_
_chem_comp.id
_chem_comp.type
_chem_comp.name
_chem_comp.formula
A1CMI non-polymer '17-chloranyl-5,13,14,22-tetramethyl-28-oxa-2,9-dithia-5,6,12,13,24-pentazaheptacyclo[27.7.1.1^{4,7}.0^{11,15}.0^{16,21}.0^{20,24}.0^{30,35}]octatriaconta-1(36),4(38),6,11,14,16,18,20,22,29(37),30(35),31,33-tridecaene-23-carboxylic acid' 'C35 H34 Cl N5 O3 S2'
GLC D-saccharide, alpha linking alpha-D-glucopyranose 'C6 H12 O6'
#
# COMPACT_ATOMS: atom_id res chain seq x y z
N GLY A 1 -16.77 -6.75 -19.29
CA GLY A 1 -16.48 -5.30 -19.51
C GLY A 1 -17.37 -4.26 -18.83
N LYS A 2 -18.68 -4.53 -18.70
CA LYS A 2 -19.58 -3.58 -18.02
C LYS A 2 -20.13 -4.21 -16.76
N ILE A 3 -20.09 -3.45 -15.67
CA ILE A 3 -20.68 -3.85 -14.41
C ILE A 3 -22.21 -3.91 -14.59
N GLU A 4 -22.80 -5.02 -14.19
CA GLU A 4 -24.21 -5.29 -14.35
C GLU A 4 -25.09 -4.40 -13.42
N GLU A 5 -26.06 -3.71 -14.01
CA GLU A 5 -27.02 -2.88 -13.27
C GLU A 5 -28.04 -3.76 -12.55
N GLY A 6 -28.45 -3.34 -11.33
CA GLY A 6 -29.51 -4.04 -10.60
C GLY A 6 -29.15 -5.20 -9.70
N LYS A 7 -27.87 -5.28 -9.36
CA LYS A 7 -27.35 -6.24 -8.39
C LYS A 7 -26.15 -5.57 -7.74
N LEU A 8 -25.64 -6.21 -6.69
CA LEU A 8 -24.38 -5.78 -6.03
C LEU A 8 -23.40 -6.94 -5.99
N VAL A 9 -22.20 -6.64 -6.52
CA VAL A 9 -21.04 -7.56 -6.36
C VAL A 9 -20.03 -6.90 -5.43
N ILE A 10 -19.66 -7.65 -4.37
CA ILE A 10 -18.75 -7.13 -3.33
C ILE A 10 -17.52 -8.01 -3.24
N TRP A 11 -16.35 -7.38 -3.19
CA TRP A 11 -15.06 -8.09 -2.92
C TRP A 11 -14.56 -7.76 -1.55
N ILE A 12 -14.16 -8.81 -0.82
CA ILE A 12 -13.58 -8.67 0.51
C ILE A 12 -12.49 -9.73 0.63
N ASN A 13 -11.47 -9.46 1.44
CA ASN A 13 -10.39 -10.47 1.56
C ASN A 13 -10.85 -11.71 2.28
N GLY A 14 -10.18 -12.81 1.95
CA GLY A 14 -10.60 -14.10 2.44
C GLY A 14 -10.29 -14.39 3.91
N ASP A 15 -9.56 -13.50 4.59
CA ASP A 15 -9.40 -13.56 6.03
C ASP A 15 -10.47 -12.88 6.84
N LYS A 16 -11.44 -12.22 6.16
CA LYS A 16 -12.46 -11.43 6.83
C LYS A 16 -13.75 -12.22 6.84
N GLY A 17 -14.74 -11.66 7.56
CA GLY A 17 -16.03 -12.32 7.76
C GLY A 17 -16.96 -12.25 6.56
N TYR A 18 -16.57 -12.88 5.45
CA TYR A 18 -17.38 -12.82 4.24
C TYR A 18 -18.70 -13.55 4.30
N ASN A 19 -18.83 -14.55 5.14
CA ASN A 19 -20.11 -15.23 5.34
C ASN A 19 -21.07 -14.36 6.13
N GLY A 20 -20.55 -13.68 7.14
CA GLY A 20 -21.34 -12.67 7.82
C GLY A 20 -21.77 -11.52 6.93
N LEU A 21 -20.85 -11.08 6.07
CA LEU A 21 -21.18 -10.05 5.09
C LEU A 21 -22.27 -10.50 4.12
N ALA A 22 -22.23 -11.74 3.69
CA ALA A 22 -23.29 -12.29 2.86
C ALA A 22 -24.64 -12.33 3.56
N GLU A 23 -24.64 -12.58 4.88
N GLU A 23 -24.64 -12.57 4.88
CA GLU A 23 -25.87 -12.52 5.67
CA GLU A 23 -25.87 -12.52 5.66
C GLU A 23 -26.50 -11.12 5.65
C GLU A 23 -26.50 -11.11 5.67
N VAL A 24 -25.67 -10.08 5.70
CA VAL A 24 -26.12 -8.70 5.55
C VAL A 24 -26.69 -8.50 4.13
N GLY A 25 -26.01 -9.07 3.13
CA GLY A 25 -26.52 -9.05 1.78
C GLY A 25 -27.87 -9.71 1.64
N LYS A 26 -28.13 -10.78 2.37
CA LYS A 26 -29.44 -11.48 2.30
C LYS A 26 -30.53 -10.60 2.95
N LYS A 27 -30.19 -9.84 4.01
CA LYS A 27 -31.15 -8.90 4.62
C LYS A 27 -31.48 -7.80 3.61
N PHE A 28 -30.48 -7.30 2.89
CA PHE A 28 -30.65 -6.31 1.85
C PHE A 28 -31.60 -6.84 0.77
N GLU A 29 -31.37 -8.06 0.29
CA GLU A 29 -32.20 -8.69 -0.73
C GLU A 29 -33.65 -8.83 -0.24
N LYS A 30 -33.83 -9.20 1.01
CA LYS A 30 -35.17 -9.35 1.56
C LYS A 30 -35.95 -8.07 1.53
N ASP A 31 -35.32 -6.93 1.76
CA ASP A 31 -35.98 -5.61 1.69
C ASP A 31 -36.26 -5.10 0.28
N THR A 32 -35.35 -5.37 -0.65
CA THR A 32 -35.23 -4.65 -1.92
C THR A 32 -35.42 -5.49 -3.16
N GLY A 33 -35.35 -6.83 -3.03
CA GLY A 33 -35.26 -7.77 -4.14
C GLY A 33 -33.97 -7.75 -4.95
N ILE A 34 -32.95 -7.02 -4.49
CA ILE A 34 -31.65 -6.91 -5.14
C ILE A 34 -30.70 -7.95 -4.54
N LYS A 35 -30.13 -8.78 -5.40
CA LYS A 35 -29.20 -9.86 -4.97
C LYS A 35 -27.80 -9.25 -4.75
N VAL A 36 -27.17 -9.67 -3.64
CA VAL A 36 -25.82 -9.23 -3.26
C VAL A 36 -24.94 -10.48 -3.35
N THR A 37 -23.84 -10.38 -4.11
CA THR A 37 -22.90 -11.49 -4.26
C THR A 37 -21.60 -11.01 -3.64
N VAL A 38 -21.16 -11.79 -2.67
CA VAL A 38 -19.87 -11.52 -1.97
C VAL A 38 -18.85 -12.54 -2.49
N GLU A 39 -17.72 -12.03 -2.93
CA GLU A 39 -16.59 -12.82 -3.40
C GLU A 39 -15.35 -12.44 -2.61
N HIS A 40 -14.38 -13.37 -2.55
CA HIS A 40 -13.09 -13.20 -1.89
C HIS A 40 -11.96 -13.66 -2.79
N PRO A 41 -11.79 -13.04 -3.96
CA PRO A 41 -10.70 -13.47 -4.89
C PRO A 41 -9.35 -13.35 -4.25
N ASP A 42 -8.43 -14.22 -4.67
CA ASP A 42 -7.05 -14.06 -4.37
C ASP A 42 -6.49 -12.77 -4.96
N LYS A 43 -5.60 -12.13 -4.24
CA LYS A 43 -4.92 -10.92 -4.68
C LYS A 43 -5.88 -9.82 -5.12
N LEU A 44 -7.01 -9.66 -4.40
CA LEU A 44 -8.05 -8.76 -4.90
C LEU A 44 -7.55 -7.34 -4.92
N GLU A 45 -6.63 -6.99 -4.04
CA GLU A 45 -6.10 -5.61 -3.98
C GLU A 45 -5.23 -5.29 -5.18
N GLU A 46 -4.69 -6.33 -5.83
CA GLU A 46 -3.98 -6.18 -7.11
C GLU A 46 -4.96 -6.29 -8.29
N LYS A 47 -5.93 -7.20 -8.21
CA LYS A 47 -6.92 -7.34 -9.31
C LYS A 47 -7.83 -6.13 -9.47
N PHE A 48 -8.29 -5.55 -8.34
CA PHE A 48 -9.22 -4.43 -8.43
C PHE A 48 -8.74 -3.30 -9.37
N PRO A 49 -7.51 -2.80 -9.20
CA PRO A 49 -7.12 -1.68 -10.05
C PRO A 49 -6.99 -2.05 -11.52
N GLN A 50 -6.67 -3.31 -11.80
CA GLN A 50 -6.61 -3.79 -13.21
C GLN A 50 -7.99 -3.85 -13.85
N VAL A 51 -8.96 -4.48 -13.17
CA VAL A 51 -10.31 -4.64 -13.71
C VAL A 51 -11.12 -3.34 -13.70
N ALA A 52 -10.97 -2.54 -12.63
CA ALA A 52 -11.71 -1.31 -12.53
C ALA A 52 -11.27 -0.29 -13.56
N ALA A 53 -10.01 -0.34 -13.97
CA ALA A 53 -9.48 0.58 -15.02
C ALA A 53 -10.18 0.36 -16.35
N THR A 54 -10.73 -0.83 -16.58
CA THR A 54 -11.49 -1.19 -17.79
C THR A 54 -12.99 -0.95 -17.68
N GLY A 55 -13.42 -0.36 -16.55
CA GLY A 55 -14.85 -0.29 -16.25
C GLY A 55 -15.57 -1.51 -15.73
N ASP A 56 -14.80 -2.50 -15.29
CA ASP A 56 -15.30 -3.72 -14.78
C ASP A 56 -15.02 -3.79 -13.25
N GLY A 57 -15.24 -4.96 -12.66
CA GLY A 57 -14.92 -5.25 -11.27
C GLY A 57 -16.17 -5.26 -10.40
N PRO A 58 -15.96 -5.31 -9.08
CA PRO A 58 -17.09 -5.29 -8.16
C PRO A 58 -17.70 -3.87 -8.03
N ASP A 59 -18.93 -3.83 -7.56
CA ASP A 59 -19.55 -2.59 -7.15
C ASP A 59 -18.92 -1.99 -5.91
N ILE A 60 -18.52 -2.88 -4.96
CA ILE A 60 -17.92 -2.44 -3.67
C ILE A 60 -16.65 -3.25 -3.43
N ILE A 61 -15.57 -2.56 -3.06
CA ILE A 61 -14.32 -3.23 -2.69
C ILE A 61 -14.02 -2.92 -1.20
N PHE A 62 -13.70 -3.96 -0.43
CA PHE A 62 -13.23 -3.82 0.94
C PHE A 62 -11.72 -4.05 0.98
N TRP A 63 -10.99 -3.17 1.65
CA TRP A 63 -9.58 -3.38 1.92
C TRP A 63 -9.22 -2.42 3.04
N ALA A 64 -8.08 -2.56 3.68
CA ALA A 64 -7.58 -1.51 4.51
C ALA A 64 -7.41 -0.24 3.67
N HIS A 65 -7.47 0.90 4.36
CA HIS A 65 -7.54 2.20 3.73
C HIS A 65 -6.27 2.54 2.96
N ASP A 66 -5.12 1.90 3.23
CA ASP A 66 -3.89 2.30 2.64
C ASP A 66 -3.88 2.20 1.11
N ARG A 67 -4.61 1.27 0.53
CA ARG A 67 -4.61 1.11 -0.93
C ARG A 67 -5.55 2.09 -1.63
N PHE A 68 -6.44 2.74 -0.88
CA PHE A 68 -7.52 3.48 -1.54
C PHE A 68 -7.07 4.82 -2.17
N GLY A 69 -6.06 5.48 -1.64
CA GLY A 69 -5.56 6.69 -2.31
C GLY A 69 -5.07 6.42 -3.74
N GLY A 70 -4.37 5.32 -3.96
CA GLY A 70 -3.97 4.88 -5.27
C GLY A 70 -5.16 4.67 -6.18
N TYR A 71 -6.19 4.00 -5.68
CA TYR A 71 -7.38 3.74 -6.48
C TYR A 71 -8.09 5.04 -6.84
N ALA A 72 -8.19 5.95 -5.88
CA ALA A 72 -8.89 7.25 -6.08
C ALA A 72 -8.11 8.07 -7.08
N GLN A 73 -6.79 8.12 -6.94
CA GLN A 73 -5.90 8.87 -7.87
C GLN A 73 -6.08 8.38 -9.31
N SER A 74 -6.30 7.08 -9.47
CA SER A 74 -6.54 6.45 -10.77
C SER A 74 -7.95 6.61 -11.27
N GLY A 75 -8.82 7.30 -10.53
CA GLY A 75 -10.21 7.53 -10.90
C GLY A 75 -11.14 6.34 -10.77
N LEU A 76 -10.76 5.38 -9.90
CA LEU A 76 -11.50 4.13 -9.76
C LEU A 76 -12.57 4.12 -8.70
N LEU A 77 -12.68 5.20 -7.88
CA LEU A 77 -13.59 5.26 -6.74
C LEU A 77 -14.54 6.44 -6.86
N ALA A 78 -15.79 6.14 -6.53
CA ALA A 78 -16.81 7.19 -6.41
C ALA A 78 -16.59 7.98 -5.12
N GLU A 79 -16.79 9.29 -5.19
CA GLU A 79 -16.82 10.10 -3.97
C GLU A 79 -18.03 9.70 -3.11
N ILE A 80 -17.77 9.62 -1.79
CA ILE A 80 -18.71 9.26 -0.71
C ILE A 80 -19.22 10.58 -0.14
N THR A 81 -20.55 10.70 -0.01
CA THR A 81 -21.17 11.95 0.48
C THR A 81 -22.29 11.68 1.52
N PRO A 82 -21.92 11.10 2.64
CA PRO A 82 -22.91 10.83 3.66
C PRO A 82 -23.39 12.14 4.29
N ASP A 83 -24.62 12.11 4.80
CA ASP A 83 -25.16 13.30 5.44
C ASP A 83 -24.53 13.38 6.85
N LYS A 84 -24.71 14.53 7.49
CA LYS A 84 -24.15 14.76 8.82
C LYS A 84 -24.64 13.74 9.80
N ALA A 85 -25.93 13.37 9.75
CA ALA A 85 -26.47 12.40 10.68
C ALA A 85 -25.69 11.09 10.60
N PHE A 86 -25.42 10.63 9.38
CA PHE A 86 -24.62 9.44 9.22
C PHE A 86 -23.17 9.63 9.65
N GLN A 87 -22.54 10.69 9.18
CA GLN A 87 -21.12 10.92 9.50
C GLN A 87 -20.85 10.96 11.01
N ASP A 88 -21.77 11.52 11.76
CA ASP A 88 -21.63 11.65 13.21
C ASP A 88 -21.75 10.33 13.94
N LYS A 89 -22.26 9.30 13.29
CA LYS A 89 -22.36 7.96 13.86
C LYS A 89 -21.02 7.25 13.92
N LEU A 90 -19.98 7.71 13.18
CA LEU A 90 -18.65 7.05 13.12
C LEU A 90 -17.59 7.97 13.69
N TYR A 91 -16.53 7.38 14.24
CA TYR A 91 -15.46 8.19 14.83
C TYR A 91 -14.77 9.05 13.78
N PRO A 92 -14.53 10.35 14.06
CA PRO A 92 -13.83 11.21 13.11
C PRO A 92 -12.51 10.69 12.54
N PHE A 93 -11.69 10.05 13.38
CA PHE A 93 -10.39 9.58 12.91
C PHE A 93 -10.55 8.46 11.88
N THR A 94 -11.71 7.77 11.87
CA THR A 94 -11.93 6.75 10.85
C THR A 94 -12.22 7.42 9.54
N TRP A 95 -13.05 8.47 9.52
CA TRP A 95 -13.28 9.26 8.27
C TRP A 95 -11.99 9.88 7.76
N ASP A 96 -11.10 10.28 8.68
CA ASP A 96 -9.80 10.80 8.25
C ASP A 96 -8.95 9.80 7.41
N ALA A 97 -9.06 8.53 7.78
CA ALA A 97 -8.34 7.45 7.08
C ALA A 97 -8.80 7.25 5.66
N VAL A 98 -10.03 7.70 5.32
CA VAL A 98 -10.63 7.52 4.00
C VAL A 98 -10.83 8.85 3.29
N ARG A 99 -10.03 9.85 3.66
CA ARG A 99 -10.09 11.14 2.99
C ARG A 99 -8.84 11.21 2.12
N TYR A 100 -9.04 11.62 0.87
CA TYR A 100 -7.97 11.69 -0.11
C TYR A 100 -8.20 12.98 -0.94
N ASN A 101 -7.19 13.87 -0.96
CA ASN A 101 -7.31 15.19 -1.66
C ASN A 101 -8.63 15.92 -1.32
N GLY A 102 -8.98 15.91 -0.03
CA GLY A 102 -10.15 16.61 0.48
C GLY A 102 -11.50 15.94 0.37
N LYS A 103 -11.58 14.75 -0.27
CA LYS A 103 -12.81 14.06 -0.57
C LYS A 103 -12.83 12.69 0.14
N LEU A 104 -13.99 12.30 0.63
CA LEU A 104 -14.16 10.98 1.21
C LEU A 104 -14.30 10.00 0.05
N ILE A 105 -13.51 8.94 0.06
N ILE A 105 -13.44 8.96 0.07
CA ILE A 105 -13.52 7.97 -1.02
CA ILE A 105 -13.33 7.97 -1.01
C ILE A 105 -13.69 6.54 -0.59
C ILE A 105 -13.76 6.54 -0.62
N ALA A 106 -14.23 6.36 0.63
CA ALA A 106 -14.72 5.06 1.13
C ALA A 106 -15.43 5.26 2.44
N TYR A 107 -16.15 4.23 2.85
CA TYR A 107 -16.76 4.16 4.17
C TYR A 107 -15.81 3.41 5.09
N PRO A 108 -15.44 3.98 6.25
CA PRO A 108 -14.68 3.22 7.21
C PRO A 108 -15.52 2.23 7.95
N ILE A 109 -14.93 1.07 8.25
CA ILE A 109 -15.62 -0.07 8.87
C ILE A 109 -15.04 -0.38 10.26
N ALA A 110 -13.72 -0.56 10.35
CA ALA A 110 -13.09 -1.00 11.62
C ALA A 110 -11.61 -0.76 11.63
N VAL A 111 -11.06 -0.56 12.83
CA VAL A 111 -9.64 -0.33 13.06
C VAL A 111 -8.95 -1.64 13.43
N GLU A 112 -7.89 -1.93 12.67
CA GLU A 112 -7.10 -3.15 12.78
C GLU A 112 -5.68 -2.86 13.19
N ALA A 113 -5.20 -3.57 14.20
CA ALA A 113 -3.77 -3.56 14.47
C ALA A 113 -3.39 -4.97 14.90
N LEU A 114 -2.16 -5.33 14.62
CA LEU A 114 -1.64 -6.59 15.10
C LEU A 114 -1.35 -6.55 16.60
N SER A 115 -1.51 -7.73 17.23
CA SER A 115 -1.13 -7.94 18.61
C SER A 115 -0.33 -9.23 18.71
N LEU A 116 0.33 -9.39 19.86
CA LEU A 116 0.92 -10.65 20.23
C LEU A 116 -0.17 -11.55 20.80
N ILE A 117 -0.32 -12.74 20.26
CA ILE A 117 -1.31 -13.71 20.72
C ILE A 117 -0.49 -14.84 21.31
N TYR A 118 -0.86 -15.29 22.52
CA TYR A 118 -0.01 -16.29 23.23
C TYR A 118 -0.86 -17.33 23.87
N ASN A 119 -0.30 -18.53 23.96
CA ASN A 119 -0.97 -19.70 24.59
C ASN A 119 -0.58 -19.77 26.06
N LYS A 120 -1.55 -19.47 26.92
CA LYS A 120 -1.30 -19.40 28.37
C LYS A 120 -0.90 -20.76 28.99
N ASP A 121 -1.27 -21.85 28.35
CA ASP A 121 -0.83 -23.20 28.83
C ASP A 121 0.62 -23.57 28.49
N LEU A 122 1.25 -22.83 27.59
CA LEU A 122 2.63 -22.93 27.28
C LEU A 122 3.44 -21.84 27.94
N LEU A 123 2.89 -20.61 27.89
CA LEU A 123 3.62 -19.44 28.31
C LEU A 123 2.72 -18.58 29.17
N PRO A 124 2.71 -18.85 30.49
CA PRO A 124 1.69 -18.15 31.30
C PRO A 124 1.77 -16.64 31.24
N ASN A 125 2.99 -16.12 31.13
CA ASN A 125 3.19 -14.70 30.91
C ASN A 125 3.91 -14.46 29.57
N PRO A 126 3.43 -13.48 28.81
CA PRO A 126 4.07 -13.24 27.53
C PRO A 126 5.40 -12.54 27.72
N PRO A 127 6.33 -12.68 26.77
CA PRO A 127 7.56 -11.92 26.85
C PRO A 127 7.31 -10.43 26.61
N LYS A 128 7.96 -9.60 27.39
CA LYS A 128 7.86 -8.18 27.22
C LYS A 128 8.78 -7.69 26.14
N THR A 129 9.85 -8.43 25.82
CA THR A 129 10.89 -8.03 24.86
C THR A 129 11.06 -9.07 23.77
N TRP A 130 11.40 -8.62 22.58
CA TRP A 130 11.86 -9.49 21.50
C TRP A 130 13.14 -10.27 21.90
N GLU A 131 14.02 -9.57 22.63
CA GLU A 131 15.33 -10.11 22.95
C GLU A 131 15.30 -11.36 23.82
N GLU A 132 14.24 -11.54 24.60
CA GLU A 132 14.12 -12.74 25.42
C GLU A 132 13.52 -13.93 24.67
N ILE A 133 13.09 -13.75 23.42
CA ILE A 133 12.44 -14.83 22.70
C ILE A 133 13.36 -16.00 22.36
N PRO A 134 14.60 -15.74 21.96
CA PRO A 134 15.48 -16.88 21.74
C PRO A 134 15.62 -17.85 22.94
N ALA A 135 15.78 -17.29 24.14
CA ALA A 135 15.93 -18.12 25.36
C ALA A 135 14.61 -18.86 25.61
N LEU A 136 13.44 -18.20 25.40
N LEU A 136 13.49 -18.17 25.41
CA LEU A 136 12.15 -18.89 25.57
CA LEU A 136 12.22 -18.79 25.55
C LEU A 136 11.98 -20.02 24.56
C LEU A 136 12.00 -19.96 24.58
N ASP A 137 12.43 -19.80 23.32
CA ASP A 137 12.35 -20.84 22.32
C ASP A 137 13.20 -22.05 22.74
N LYS A 138 14.36 -21.78 23.29
CA LYS A 138 15.23 -22.90 23.81
C LYS A 138 14.51 -23.70 24.88
N GLU A 139 13.85 -23.01 25.82
CA GLU A 139 13.04 -23.68 26.85
C GLU A 139 11.91 -24.49 26.25
N LEU A 140 11.21 -23.93 25.27
CA LEU A 140 10.12 -24.58 24.67
C LEU A 140 10.47 -25.78 23.75
N LYS A 141 11.62 -25.63 23.06
CA LYS A 141 12.14 -26.71 22.22
C LYS A 141 12.37 -27.98 23.01
N ALA A 142 12.79 -27.82 24.26
CA ALA A 142 12.92 -28.99 25.17
C ALA A 142 11.59 -29.66 25.53
N LYS A 143 10.47 -28.99 25.37
CA LYS A 143 9.12 -29.53 25.54
C LYS A 143 8.51 -30.00 24.31
N GLY A 144 9.29 -29.95 23.19
CA GLY A 144 8.74 -30.37 21.94
C GLY A 144 7.81 -29.32 21.31
N LYS A 145 8.07 -28.03 21.66
CA LYS A 145 7.28 -26.89 21.19
C LYS A 145 8.23 -25.85 20.60
N SER A 146 7.70 -24.71 20.25
CA SER A 146 8.51 -23.55 19.84
C SER A 146 7.88 -22.31 20.39
N ALA A 147 8.65 -21.23 20.41
CA ALA A 147 8.17 -19.96 20.95
C ALA A 147 7.18 -19.23 20.03
N LEU A 148 7.55 -19.03 18.76
CA LEU A 148 6.86 -18.04 17.93
C LEU A 148 6.78 -18.47 16.47
N MET A 149 5.60 -18.34 15.90
CA MET A 149 5.41 -18.48 14.43
C MET A 149 4.43 -17.44 13.99
N PHE A 150 4.80 -16.74 12.90
CA PHE A 150 3.93 -15.77 12.24
C PHE A 150 4.28 -15.68 10.78
N ASN A 151 3.40 -15.06 10.05
CA ASN A 151 3.54 -14.95 8.60
C ASN A 151 4.76 -14.12 8.22
N LEU A 152 5.75 -14.75 7.59
CA LEU A 152 6.95 -14.07 7.12
C LEU A 152 6.90 -13.73 5.64
N GLN A 153 5.77 -13.94 5.00
CA GLN A 153 5.59 -13.66 3.56
C GLN A 153 4.97 -12.31 3.27
N GLU A 154 4.40 -11.66 4.27
CA GLU A 154 3.73 -10.39 4.11
C GLU A 154 4.36 -9.42 5.04
N PRO A 155 4.90 -8.29 4.54
CA PRO A 155 5.66 -7.39 5.37
C PRO A 155 4.84 -6.69 6.46
N TYR A 156 3.52 -6.68 6.34
CA TYR A 156 2.67 -6.19 7.39
C TYR A 156 3.04 -6.75 8.76
N PHE A 157 3.38 -8.04 8.80
CA PHE A 157 3.64 -8.75 10.07
C PHE A 157 5.01 -8.46 10.65
N THR A 158 5.99 -8.16 9.80
N THR A 158 6.00 -8.18 9.79
CA THR A 158 7.36 -7.91 10.22
CA THR A 158 7.38 -7.89 10.19
C THR A 158 7.64 -6.43 10.45
C THR A 158 7.66 -6.42 10.42
N TRP A 159 6.84 -5.55 9.82
CA TRP A 159 6.99 -4.12 9.96
C TRP A 159 7.04 -3.63 11.40
N PRO A 160 6.24 -4.17 12.32
CA PRO A 160 6.30 -3.63 13.68
C PRO A 160 7.68 -3.69 14.30
N LEU A 161 8.42 -4.74 14.01
CA LEU A 161 9.79 -4.89 14.50
C LEU A 161 10.75 -4.00 13.74
N ILE A 162 10.58 -3.89 12.43
CA ILE A 162 11.42 -3.01 11.59
C ILE A 162 11.28 -1.56 12.05
N ALA A 163 10.06 -1.14 12.36
CA ALA A 163 9.76 0.22 12.78
C ALA A 163 10.26 0.55 14.19
N ALA A 164 10.41 -0.45 15.04
CA ALA A 164 10.60 -0.22 16.47
C ALA A 164 11.77 0.69 16.80
N ASP A 165 12.92 0.39 16.24
CA ASP A 165 14.17 1.14 16.51
C ASP A 165 14.45 2.27 15.51
N GLY A 166 13.48 2.59 14.64
CA GLY A 166 13.52 3.83 13.86
C GLY A 166 13.27 3.65 12.39
N GLY A 167 12.91 2.46 11.89
CA GLY A 167 12.49 2.37 10.50
C GLY A 167 11.17 3.10 10.33
N TYR A 168 10.96 3.69 9.13
CA TYR A 168 9.73 4.30 8.80
C TYR A 168 9.52 4.24 7.31
N ALA A 169 8.27 4.40 6.92
CA ALA A 169 7.91 4.48 5.51
C ALA A 169 8.12 5.91 5.02
N PHE A 170 7.23 6.82 5.32
CA PHE A 170 7.37 8.16 4.82
C PHE A 170 7.31 8.97 6.09
N LYS A 171 8.28 9.91 6.24
CA LYS A 171 8.38 10.72 7.46
C LYS A 171 7.12 11.57 7.66
N TYR A 172 6.62 11.68 8.90
CA TYR A 172 5.43 12.47 9.20
C TYR A 172 5.77 13.46 10.30
N GLU A 173 5.69 14.76 9.96
CA GLU A 173 6.04 15.84 10.89
C GLU A 173 5.18 17.04 10.61
N ASN A 174 4.76 17.71 11.71
CA ASN A 174 4.05 19.00 11.66
C ASN A 174 2.68 18.86 10.97
N GLY A 175 2.03 17.72 11.22
CA GLY A 175 0.78 17.36 10.52
C GLY A 175 0.87 16.99 9.04
N LYS A 176 2.08 16.70 8.52
CA LYS A 176 2.34 16.49 7.07
C LYS A 176 3.33 15.33 6.80
N TYR A 177 3.08 14.56 5.76
CA TYR A 177 4.08 13.60 5.26
C TYR A 177 5.08 14.33 4.41
N ASP A 178 6.33 13.92 4.53
CA ASP A 178 7.40 14.28 3.59
C ASP A 178 7.64 13.01 2.78
N ILE A 179 7.01 12.96 1.60
CA ILE A 179 7.06 11.77 0.71
C ILE A 179 8.47 11.47 0.16
N LYS A 180 9.33 12.49 0.11
CA LYS A 180 10.72 12.33 -0.25
C LYS A 180 11.56 11.65 0.78
N ASP A 181 11.11 11.63 2.06
CA ASP A 181 11.87 11.15 3.21
C ASP A 181 11.35 9.74 3.59
N VAL A 182 12.08 8.75 3.09
CA VAL A 182 11.79 7.34 3.25
C VAL A 182 12.77 6.75 4.25
N GLY A 183 12.27 5.91 5.16
CA GLY A 183 13.06 5.43 6.36
C GLY A 183 13.30 3.90 6.37
N VAL A 184 13.44 3.30 5.20
CA VAL A 184 13.51 1.85 4.99
C VAL A 184 14.91 1.31 5.20
N ASP A 185 15.95 2.09 4.89
CA ASP A 185 17.33 1.60 5.00
C ASP A 185 18.22 2.29 6.02
N ASN A 186 17.63 2.83 7.06
CA ASN A 186 18.37 3.44 8.14
C ASN A 186 18.80 2.38 9.19
N ALA A 187 19.57 2.82 10.20
CA ALA A 187 20.16 1.96 11.20
C ALA A 187 19.07 1.21 12.02
N GLY A 188 17.95 1.86 12.25
CA GLY A 188 16.83 1.30 13.01
C GLY A 188 16.15 0.17 12.28
N ALA A 189 15.87 0.36 11.01
CA ALA A 189 15.29 -0.67 10.14
C ALA A 189 16.22 -1.83 9.99
N LYS A 190 17.50 -1.59 9.81
CA LYS A 190 18.51 -2.63 9.73
C LYS A 190 18.54 -3.43 11.04
N ALA A 191 18.48 -2.77 12.19
CA ALA A 191 18.55 -3.46 13.50
C ALA A 191 17.35 -4.42 13.63
N GLY A 192 16.15 -3.97 13.29
CA GLY A 192 14.97 -4.81 13.35
C GLY A 192 15.03 -5.99 12.42
N LEU A 193 15.35 -5.76 11.16
CA LEU A 193 15.37 -6.81 10.22
C LEU A 193 16.53 -7.79 10.53
N THR A 194 17.66 -7.29 11.02
CA THR A 194 18.74 -8.18 11.41
C THR A 194 18.28 -9.12 12.56
N PHE A 195 17.51 -8.57 13.49
CA PHE A 195 17.01 -9.40 14.58
C PHE A 195 16.14 -10.53 14.03
N LEU A 196 15.25 -10.21 13.11
CA LEU A 196 14.43 -11.22 12.48
C LEU A 196 15.25 -12.27 11.79
N VAL A 197 16.23 -11.81 11.00
CA VAL A 197 17.06 -12.73 10.25
C VAL A 197 17.88 -13.65 11.19
N ASP A 198 18.36 -13.09 12.28
CA ASP A 198 19.06 -13.86 13.31
C ASP A 198 18.17 -14.93 13.96
N LEU A 199 16.88 -14.62 14.14
CA LEU A 199 15.92 -15.61 14.65
C LEU A 199 15.88 -16.82 13.72
N ILE A 200 15.89 -16.55 12.42
CA ILE A 200 15.82 -17.56 11.37
C ILE A 200 17.15 -18.35 11.31
N LYS A 201 18.26 -17.63 11.32
N LYS A 201 18.25 -17.63 11.31
CA LYS A 201 19.63 -18.23 11.31
CA LYS A 201 19.61 -18.24 11.30
C LYS A 201 19.81 -19.18 12.49
C LYS A 201 19.80 -19.18 12.48
N ASN A 202 19.28 -18.76 13.65
CA ASN A 202 19.38 -19.56 14.87
C ASN A 202 18.29 -20.58 15.05
N LYS A 203 17.46 -20.81 14.04
CA LYS A 203 16.44 -21.84 13.95
C LYS A 203 15.31 -21.66 14.97
N HIS A 204 15.07 -20.39 15.33
CA HIS A 204 13.88 -20.02 16.12
C HIS A 204 12.65 -19.83 15.26
N MET A 205 12.84 -19.48 13.98
CA MET A 205 11.80 -19.37 12.98
C MET A 205 12.31 -19.87 11.67
N ASN A 206 11.37 -20.09 10.76
CA ASN A 206 11.64 -20.67 9.44
C ASN A 206 11.19 -19.66 8.43
N ALA A 207 12.08 -19.31 7.47
CA ALA A 207 11.77 -18.29 6.43
C ALA A 207 10.57 -18.64 5.58
N ASP A 208 10.21 -19.93 5.47
CA ASP A 208 9.06 -20.35 4.68
C ASP A 208 7.72 -20.25 5.36
N THR A 209 7.69 -19.90 6.65
CA THR A 209 6.40 -19.80 7.34
C THR A 209 5.51 -18.73 6.75
N ASP A 210 4.26 -19.11 6.50
CA ASP A 210 3.27 -18.21 5.90
C ASP A 210 2.04 -18.12 6.82
N TYR A 211 0.96 -17.48 6.38
CA TYR A 211 -0.18 -17.28 7.22
C TYR A 211 -0.77 -18.62 7.69
N SER A 212 -1.01 -19.54 6.75
N SER A 212 -1.01 -19.51 6.72
CA SER A 212 -1.70 -20.78 7.09
CA SER A 212 -1.62 -20.81 6.94
C SER A 212 -0.85 -21.68 7.98
C SER A 212 -0.85 -21.65 7.95
N ILE A 213 0.46 -21.69 7.75
CA ILE A 213 1.36 -22.52 8.54
C ILE A 213 1.38 -22.00 9.99
N ALA A 214 1.52 -20.68 10.17
CA ALA A 214 1.56 -20.14 11.52
C ALA A 214 0.25 -20.30 12.25
N GLU A 215 -0.86 -20.09 11.55
CA GLU A 215 -2.17 -20.23 12.13
C GLU A 215 -2.42 -21.67 12.60
N ALA A 216 -2.06 -22.63 11.76
CA ALA A 216 -2.29 -24.04 12.10
C ALA A 216 -1.43 -24.40 13.31
N ALA A 217 -0.18 -23.98 13.36
CA ALA A 217 0.71 -24.32 14.45
C ALA A 217 0.21 -23.75 15.76
N PHE A 218 -0.22 -22.49 15.73
CA PHE A 218 -0.72 -21.89 16.97
C PHE A 218 -1.99 -22.56 17.43
N ASN A 219 -2.90 -22.79 16.50
CA ASN A 219 -4.22 -23.32 16.86
C ASN A 219 -4.20 -24.80 17.23
N LYS A 220 -3.15 -25.51 16.84
CA LYS A 220 -2.93 -26.88 17.28
C LYS A 220 -2.06 -26.96 18.55
N GLY A 221 -1.69 -25.85 19.18
CA GLY A 221 -0.89 -25.87 20.40
C GLY A 221 0.54 -26.25 20.21
N GLU A 222 1.07 -26.07 19.00
CA GLU A 222 2.45 -26.45 18.72
C GLU A 222 3.44 -25.31 18.98
N THR A 223 3.01 -24.06 18.87
CA THR A 223 3.87 -22.89 19.09
C THR A 223 3.19 -22.00 20.10
N ALA A 224 3.96 -21.35 20.94
CA ALA A 224 3.41 -20.62 22.10
C ALA A 224 2.86 -19.26 21.74
N MET A 225 3.26 -18.69 20.61
CA MET A 225 2.91 -17.29 20.25
C MET A 225 2.76 -17.21 18.76
N THR A 226 1.91 -16.26 18.39
CA THR A 226 1.82 -15.78 16.99
C THR A 226 1.54 -14.28 17.01
N ILE A 227 1.60 -13.66 15.82
CA ILE A 227 1.31 -12.23 15.64
C ILE A 227 0.18 -12.17 14.62
N ASN A 228 -0.96 -11.59 14.97
CA ASN A 228 -2.06 -11.57 14.07
C ASN A 228 -3.05 -10.52 14.55
N GLY A 229 -4.04 -10.30 13.69
CA GLY A 229 -5.10 -9.33 13.94
C GLY A 229 -6.37 -9.93 14.43
N PRO A 230 -7.40 -9.08 14.64
CA PRO A 230 -8.63 -9.54 15.24
C PRO A 230 -9.35 -10.64 14.48
N TRP A 231 -9.25 -10.58 13.15
CA TRP A 231 -9.91 -11.55 12.29
C TRP A 231 -9.49 -12.99 12.65
N ALA A 232 -8.29 -13.16 13.22
CA ALA A 232 -7.81 -14.48 13.55
C ALA A 232 -8.44 -15.12 14.80
N TRP A 233 -9.14 -14.31 15.60
CA TRP A 233 -9.61 -14.80 16.91
C TRP A 233 -10.66 -15.85 16.79
N SER A 234 -11.50 -15.85 15.75
CA SER A 234 -12.53 -16.90 15.56
C SER A 234 -11.98 -18.30 15.51
N ASN A 235 -10.97 -18.48 14.69
CA ASN A 235 -10.37 -19.79 14.51
C ASN A 235 -9.67 -20.21 15.79
N ILE A 236 -9.07 -19.27 16.52
CA ILE A 236 -8.46 -19.62 17.82
C ILE A 236 -9.53 -20.04 18.81
N ASP A 237 -10.67 -19.35 18.86
CA ASP A 237 -11.80 -19.75 19.70
C ASP A 237 -12.23 -21.17 19.42
N THR A 238 -12.47 -21.46 18.15
CA THR A 238 -12.83 -22.82 17.69
C THR A 238 -11.83 -23.93 18.15
N SER A 239 -10.53 -23.60 18.17
CA SER A 239 -9.44 -24.51 18.55
C SER A 239 -9.42 -24.83 20.05
N LYS A 240 -9.98 -23.96 20.88
CA LYS A 240 -10.03 -24.11 22.33
C LYS A 240 -8.70 -23.86 23.02
N VAL A 241 -7.71 -23.30 22.30
CA VAL A 241 -6.49 -22.88 22.93
C VAL A 241 -6.82 -21.79 23.97
N ASN A 242 -6.21 -21.92 25.12
CA ASN A 242 -6.28 -20.93 26.16
C ASN A 242 -5.38 -19.74 25.85
N TYR A 243 -5.92 -18.75 25.14
CA TYR A 243 -5.09 -17.69 24.56
C TYR A 243 -5.29 -16.32 25.20
N GLY A 244 -4.26 -15.51 25.17
CA GLY A 244 -4.31 -14.11 25.49
C GLY A 244 -3.89 -13.29 24.29
N VAL A 245 -4.32 -12.05 24.29
CA VAL A 245 -4.00 -11.03 23.27
C VAL A 245 -3.36 -9.90 24.03
N THR A 246 -2.16 -9.47 23.68
CA THR A 246 -1.44 -8.53 24.45
C THR A 246 -0.54 -7.62 23.61
N VAL A 247 0.07 -6.64 24.27
CA VAL A 247 1.04 -5.77 23.68
C VAL A 247 2.19 -6.54 23.00
N LEU A 248 2.59 -6.10 21.81
CA LEU A 248 3.75 -6.64 21.15
C LEU A 248 4.99 -6.46 22.01
N PRO A 249 5.96 -7.36 21.84
CA PRO A 249 7.19 -7.15 22.61
C PRO A 249 7.93 -5.87 22.18
N THR A 250 8.73 -5.32 23.07
CA THR A 250 9.62 -4.19 22.74
C THR A 250 10.86 -4.70 22.03
N PHE A 251 11.54 -3.79 21.33
CA PHE A 251 12.83 -4.10 20.71
C PHE A 251 13.76 -2.95 21.03
N LYS A 252 14.92 -3.25 21.63
CA LYS A 252 15.83 -2.19 22.08
C LYS A 252 15.14 -1.21 23.01
N GLY A 253 14.24 -1.74 23.83
CA GLY A 253 13.46 -0.97 24.77
C GLY A 253 12.34 -0.10 24.25
N GLN A 254 12.08 -0.18 22.94
N GLN A 254 12.04 -0.23 22.96
CA GLN A 254 11.15 0.69 22.24
CA GLN A 254 11.12 0.64 22.29
C GLN A 254 9.94 -0.18 21.84
C GLN A 254 9.92 -0.20 21.85
N PRO A 255 8.71 0.37 21.85
CA PRO A 255 7.55 -0.42 21.40
C PRO A 255 7.67 -0.88 19.95
N SER A 256 7.14 -2.09 19.71
CA SER A 256 6.87 -2.47 18.32
C SER A 256 5.74 -1.56 17.82
N LYS A 257 5.85 -1.16 16.56
CA LYS A 257 5.00 -0.11 16.01
C LYS A 257 4.23 -0.68 14.80
N PRO A 258 3.09 -1.33 15.06
CA PRO A 258 2.36 -1.83 13.91
C PRO A 258 1.80 -0.71 13.02
N PHE A 259 1.72 -0.98 11.74
CA PHE A 259 1.02 -0.11 10.81
C PHE A 259 -0.46 -0.39 10.98
N VAL A 260 -1.29 0.60 11.35
CA VAL A 260 -2.67 0.46 11.72
C VAL A 260 -3.49 0.66 10.43
N GLY A 261 -4.40 -0.24 10.18
CA GLY A 261 -5.31 -0.18 9.01
C GLY A 261 -6.74 0.07 9.44
N VAL A 262 -7.50 0.76 8.60
CA VAL A 262 -8.91 0.95 8.77
C VAL A 262 -9.54 0.18 7.63
N LEU A 263 -10.15 -0.96 7.92
CA LEU A 263 -10.94 -1.70 6.95
C LEU A 263 -11.99 -0.72 6.40
N SER A 264 -12.05 -0.60 5.08
CA SER A 264 -12.88 0.40 4.40
C SER A 264 -13.57 -0.20 3.22
N ALA A 265 -14.67 0.44 2.82
CA ALA A 265 -15.47 -0.03 1.68
C ALA A 265 -15.60 1.09 0.68
N GLY A 266 -15.03 0.87 -0.50
CA GLY A 266 -15.16 1.85 -1.61
C GLY A 266 -16.16 1.38 -2.63
N ILE A 267 -16.71 2.35 -3.35
CA ILE A 267 -17.65 2.13 -4.42
C ILE A 267 -16.90 2.40 -5.75
N ASN A 268 -17.00 1.40 -6.64
CA ASN A 268 -16.35 1.48 -7.94
C ASN A 268 -16.96 2.66 -8.75
N ALA A 269 -16.11 3.54 -9.23
CA ALA A 269 -16.54 4.67 -10.06
C ALA A 269 -17.33 4.24 -11.31
N ALA A 270 -17.05 3.06 -11.79
CA ALA A 270 -17.79 2.49 -12.96
C ALA A 270 -19.11 1.76 -12.63
N SER A 271 -19.47 1.69 -11.34
CA SER A 271 -20.68 1.00 -10.96
C SER A 271 -21.91 1.83 -11.38
N PRO A 272 -22.89 1.16 -11.99
CA PRO A 272 -24.22 1.78 -12.23
C PRO A 272 -25.17 1.57 -11.02
N ASN A 273 -24.65 1.10 -9.90
CA ASN A 273 -25.42 0.72 -8.71
C ASN A 273 -24.95 1.56 -7.52
N LYS A 274 -24.51 2.79 -7.72
CA LYS A 274 -23.95 3.60 -6.61
C LYS A 274 -24.96 3.87 -5.53
N GLU A 275 -26.21 4.14 -5.91
CA GLU A 275 -27.24 4.34 -4.89
C GLU A 275 -27.52 3.12 -4.08
N LEU A 276 -27.64 1.95 -4.71
CA LEU A 276 -27.80 0.68 -4.02
C LEU A 276 -26.62 0.41 -3.07
N ALA A 277 -25.42 0.74 -3.54
CA ALA A 277 -24.21 0.48 -2.73
C ALA A 277 -24.16 1.38 -1.48
N LYS A 278 -24.55 2.64 -1.63
N LYS A 278 -24.52 2.65 -1.62
CA LYS A 278 -24.62 3.58 -0.50
CA LYS A 278 -24.62 3.56 -0.46
C LYS A 278 -25.64 3.09 0.50
C LYS A 278 -25.66 3.14 0.52
N GLU A 279 -26.81 2.71 0.01
CA GLU A 279 -27.87 2.18 0.87
C GLU A 279 -27.43 0.95 1.66
N PHE A 280 -26.81 0.00 0.94
CA PHE A 280 -26.27 -1.16 1.59
C PHE A 280 -25.27 -0.79 2.70
N LEU A 281 -24.32 0.05 2.40
CA LEU A 281 -23.22 0.32 3.33
C LEU A 281 -23.70 1.15 4.50
N GLU A 282 -24.51 2.19 4.27
CA GLU A 282 -24.96 3.06 5.37
C GLU A 282 -26.04 2.43 6.19
N ASN A 283 -27.03 1.80 5.53
CA ASN A 283 -28.26 1.35 6.23
C ASN A 283 -28.45 -0.09 6.49
N TYR A 284 -27.45 -0.91 6.06
CA TYR A 284 -27.40 -2.35 6.38
C TYR A 284 -26.11 -2.70 7.09
N LEU A 285 -24.96 -2.42 6.47
CA LEU A 285 -23.70 -2.82 7.11
C LEU A 285 -23.32 -2.00 8.28
N LEU A 286 -23.28 -0.68 8.13
CA LEU A 286 -22.84 0.20 9.24
C LEU A 286 -23.96 0.50 10.21
N THR A 287 -24.48 -0.57 10.74
CA THR A 287 -25.50 -0.61 11.79
C THR A 287 -25.03 -1.60 12.86
N ASP A 288 -25.61 -1.51 14.05
CA ASP A 288 -25.24 -2.44 15.09
C ASP A 288 -25.42 -3.90 14.62
N GLU A 289 -26.55 -4.19 13.96
CA GLU A 289 -26.88 -5.54 13.54
C GLU A 289 -25.98 -6.01 12.38
N GLY A 290 -25.71 -5.12 11.45
CA GLY A 290 -24.82 -5.45 10.31
C GLY A 290 -23.41 -5.79 10.74
N LEU A 291 -22.85 -4.93 11.59
CA LEU A 291 -21.48 -5.15 12.06
C LEU A 291 -21.42 -6.37 12.95
N GLU A 292 -22.44 -6.62 13.77
CA GLU A 292 -22.46 -7.84 14.57
C GLU A 292 -22.44 -9.08 13.69
N ALA A 293 -23.18 -9.12 12.58
CA ALA A 293 -23.20 -10.28 11.72
C ALA A 293 -21.79 -10.56 11.19
N VAL A 294 -21.12 -9.51 10.76
CA VAL A 294 -19.73 -9.68 10.27
C VAL A 294 -18.79 -10.06 11.41
N ASN A 295 -18.88 -9.35 12.51
CA ASN A 295 -17.96 -9.55 13.64
C ASN A 295 -18.07 -10.98 14.27
N LYS A 296 -19.28 -11.56 14.27
CA LYS A 296 -19.54 -12.93 14.75
C LYS A 296 -18.88 -13.97 13.88
N ASP A 297 -18.68 -13.63 12.60
CA ASP A 297 -18.03 -14.51 11.65
C ASP A 297 -16.53 -14.41 11.90
N LYS A 298 -15.95 -13.23 11.69
CA LYS A 298 -14.52 -12.97 12.03
C LYS A 298 -14.46 -11.61 12.65
N PRO A 299 -13.85 -11.45 13.84
CA PRO A 299 -13.83 -10.16 14.44
C PRO A 299 -13.24 -9.05 13.62
N LEU A 300 -13.86 -7.87 13.69
CA LEU A 300 -13.45 -6.71 12.90
C LEU A 300 -12.34 -5.86 13.52
N GLY A 301 -12.20 -5.92 14.84
CA GLY A 301 -11.36 -4.99 15.58
C GLY A 301 -12.24 -3.95 16.23
N ALA A 302 -11.75 -2.72 16.27
CA ALA A 302 -12.47 -1.64 16.97
C ALA A 302 -13.30 -0.97 15.89
N VAL A 303 -14.62 -1.21 15.91
CA VAL A 303 -15.47 -0.77 14.78
C VAL A 303 -15.61 0.74 14.75
N ALA A 304 -15.89 1.27 13.55
CA ALA A 304 -15.98 2.69 13.36
C ALA A 304 -17.28 3.27 13.95
N LEU A 305 -18.32 2.45 13.99
CA LEU A 305 -19.63 2.84 14.44
C LEU A 305 -19.63 2.96 15.96
N LYS A 306 -19.82 4.19 16.46
CA LYS A 306 -19.70 4.48 17.89
C LYS A 306 -20.58 3.62 18.79
N SER A 307 -21.83 3.43 18.39
CA SER A 307 -22.78 2.65 19.19
C SER A 307 -22.34 1.22 19.43
N TYR A 308 -21.79 0.57 18.40
CA TYR A 308 -21.37 -0.82 18.51
C TYR A 308 -19.99 -0.91 19.13
N GLU A 309 -19.12 0.05 18.86
CA GLU A 309 -17.82 0.05 19.49
C GLU A 309 -17.92 0.16 20.98
N GLU A 310 -18.91 0.91 21.48
CA GLU A 310 -19.11 0.98 22.93
C GLU A 310 -19.32 -0.39 23.58
N GLU A 311 -20.03 -1.31 22.92
CA GLU A 311 -20.05 -2.74 23.44
C GLU A 311 -18.66 -3.40 23.32
N LEU A 312 -18.14 -3.39 22.12
CA LEU A 312 -16.89 -4.14 21.79
C LEU A 312 -15.68 -3.70 22.64
N ALA A 313 -15.61 -2.41 23.00
CA ALA A 313 -14.49 -1.84 23.77
C ALA A 313 -14.21 -2.47 25.15
N LYS A 314 -15.23 -3.09 25.77
CA LYS A 314 -15.09 -3.80 27.06
C LYS A 314 -14.28 -5.12 26.96
N ASP A 315 -14.09 -5.62 25.75
CA ASP A 315 -13.33 -6.84 25.49
C ASP A 315 -11.84 -6.55 25.64
N PRO A 316 -11.16 -7.28 26.56
CA PRO A 316 -9.71 -7.09 26.71
C PRO A 316 -8.87 -7.30 25.44
N ARG A 317 -9.38 -8.10 24.52
CA ARG A 317 -8.67 -8.34 23.24
C ARG A 317 -8.72 -7.08 22.37
N ILE A 318 -9.85 -6.37 22.42
CA ILE A 318 -9.95 -5.09 21.74
C ILE A 318 -9.14 -4.01 22.44
N ALA A 319 -9.16 -4.00 23.78
CA ALA A 319 -8.22 -3.13 24.48
C ALA A 319 -6.77 -3.30 24.07
N ALA A 320 -6.34 -4.57 23.97
CA ALA A 320 -4.98 -4.86 23.51
C ALA A 320 -4.71 -4.39 22.06
N THR A 321 -5.71 -4.59 21.22
CA THR A 321 -5.61 -4.10 19.83
C THR A 321 -5.36 -2.59 19.78
N MET A 322 -6.13 -1.86 20.58
CA MET A 322 -6.00 -0.43 20.64
C MET A 322 -4.75 0.06 21.32
N GLU A 323 -4.23 -0.71 22.32
CA GLU A 323 -2.93 -0.37 22.87
C GLU A 323 -1.83 -0.49 21.81
N ASN A 324 -1.83 -1.61 21.08
CA ASN A 324 -0.87 -1.73 20.00
C ASN A 324 -1.05 -0.67 18.90
N ALA A 325 -2.30 -0.37 18.57
CA ALA A 325 -2.56 0.67 17.58
C ALA A 325 -1.99 2.04 18.00
N GLN A 326 -2.16 2.38 19.28
CA GLN A 326 -1.66 3.68 19.81
C GLN A 326 -0.14 3.76 19.77
N LYS A 327 0.52 2.62 19.95
CA LYS A 327 1.96 2.54 19.81
C LYS A 327 2.46 2.53 18.38
N GLY A 328 1.57 2.17 17.44
CA GLY A 328 1.88 2.21 16.04
C GLY A 328 1.45 3.53 15.38
N GLU A 329 1.23 3.44 14.09
CA GLU A 329 0.98 4.58 13.21
C GLU A 329 -0.08 4.19 12.23
N ILE A 330 -1.08 5.04 12.03
CA ILE A 330 -2.04 4.91 10.92
C ILE A 330 -1.29 4.90 9.62
N MET A 331 -1.60 3.94 8.75
CA MET A 331 -0.96 3.91 7.46
C MET A 331 -1.35 5.15 6.64
N PRO A 332 -0.38 5.65 5.90
CA PRO A 332 -0.72 6.61 4.86
C PRO A 332 -1.63 5.97 3.83
N ASN A 333 -2.38 6.78 3.09
CA ASN A 333 -3.15 6.29 1.90
C ASN A 333 -2.61 6.82 0.56
N ILE A 334 -1.42 7.38 0.59
CA ILE A 334 -0.81 7.97 -0.60
C ILE A 334 -0.62 6.90 -1.69
N PRO A 335 -0.68 7.28 -2.98
CA PRO A 335 -0.56 6.28 -4.06
C PRO A 335 0.70 5.43 -4.05
N GLN A 336 1.77 5.98 -3.46
N GLN A 336 1.81 5.92 -3.51
CA GLN A 336 3.06 5.33 -3.24
CA GLN A 336 3.04 5.14 -3.45
C GLN A 336 3.13 4.24 -2.18
C GLN A 336 3.00 3.99 -2.44
N MET A 337 2.02 3.95 -1.52
CA MET A 337 1.97 2.82 -0.55
C MET A 337 2.12 1.48 -1.20
N SER A 338 1.46 1.24 -2.32
CA SER A 338 1.58 -0.03 -3.04
C SER A 338 3.05 -0.38 -3.36
N ALA A 339 3.80 0.61 -3.84
CA ALA A 339 5.19 0.41 -4.15
C ALA A 339 6.07 0.16 -2.94
N PHE A 340 5.83 0.92 -1.89
CA PHE A 340 6.48 0.73 -0.62
C PHE A 340 6.27 -0.73 -0.14
N TRP A 341 5.03 -1.23 -0.19
CA TRP A 341 4.77 -2.58 0.30
C TRP A 341 5.43 -3.59 -0.57
N TYR A 342 5.44 -3.38 -1.88
CA TYR A 342 6.09 -4.33 -2.74
C TYR A 342 7.59 -4.40 -2.48
N ALA A 343 8.19 -3.25 -2.30
CA ALA A 343 9.63 -3.17 -2.08
C ALA A 343 9.99 -3.85 -0.76
N VAL A 344 9.22 -3.55 0.29
CA VAL A 344 9.55 -4.13 1.59
C VAL A 344 9.22 -5.64 1.64
N ARG A 345 8.18 -6.09 0.96
CA ARG A 345 7.86 -7.52 0.88
C ARG A 345 9.05 -8.26 0.36
N THR A 346 9.59 -7.79 -0.78
CA THR A 346 10.76 -8.44 -1.38
C THR A 346 11.97 -8.36 -0.48
N ALA A 347 12.19 -7.22 0.19
CA ALA A 347 13.33 -7.13 1.07
C ALA A 347 13.27 -8.15 2.19
N VAL A 348 12.11 -8.29 2.82
CA VAL A 348 11.98 -9.22 3.95
C VAL A 348 12.18 -10.65 3.48
N ILE A 349 11.54 -10.99 2.37
CA ILE A 349 11.63 -12.36 1.88
C ILE A 349 13.09 -12.66 1.48
N ASN A 350 13.77 -11.72 0.81
CA ASN A 350 15.14 -11.99 0.39
C ASN A 350 16.11 -12.05 1.55
N ALA A 351 15.95 -11.16 2.54
CA ALA A 351 16.80 -11.19 3.73
C ALA A 351 16.60 -12.52 4.52
N ALA A 352 15.34 -12.91 4.63
CA ALA A 352 14.99 -14.11 5.39
C ALA A 352 15.51 -15.35 4.74
N SER A 353 15.51 -15.40 3.40
CA SER A 353 15.94 -16.60 2.66
C SER A 353 17.46 -16.65 2.48
N GLY A 354 18.14 -15.53 2.73
CA GLY A 354 19.56 -15.39 2.46
C GLY A 354 19.92 -15.03 1.03
N ARG A 355 18.95 -14.80 0.16
CA ARG A 355 19.19 -14.31 -1.21
C ARG A 355 19.92 -12.95 -1.22
N GLN A 356 19.66 -12.08 -0.25
CA GLN A 356 20.37 -10.85 -0.04
C GLN A 356 20.74 -10.71 1.40
N THR A 357 21.74 -9.92 1.68
CA THR A 357 22.03 -9.53 3.04
C THR A 357 20.99 -8.49 3.45
N VAL A 358 20.90 -8.19 4.75
CA VAL A 358 19.98 -7.18 5.24
C VAL A 358 20.28 -5.83 4.56
N ASP A 359 21.57 -5.48 4.52
CA ASP A 359 22.01 -4.23 3.92
C ASP A 359 21.62 -4.15 2.47
N GLU A 360 21.84 -5.21 1.70
CA GLU A 360 21.49 -5.24 0.29
C GLU A 360 19.98 -5.14 0.10
N ALA A 361 19.24 -5.86 0.95
CA ALA A 361 17.78 -5.94 0.80
C ALA A 361 17.10 -4.62 1.07
N LEU A 362 17.54 -3.98 2.14
CA LEU A 362 17.02 -2.70 2.51
C LEU A 362 17.45 -1.56 1.57
N LYS A 363 18.65 -1.64 1.01
CA LYS A 363 19.09 -0.64 0.00
C LYS A 363 18.12 -0.71 -1.18
N ASP A 364 17.83 -1.92 -1.68
CA ASP A 364 16.90 -2.06 -2.80
C ASP A 364 15.51 -1.55 -2.46
N ALA A 365 15.03 -1.87 -1.26
CA ALA A 365 13.73 -1.44 -0.86
C ALA A 365 13.68 0.10 -0.80
N GLN A 366 14.72 0.74 -0.26
CA GLN A 366 14.81 2.22 -0.26
C GLN A 366 14.66 2.77 -1.68
N THR A 367 15.42 2.20 -2.60
CA THR A 367 15.41 2.70 -3.98
C THR A 367 14.04 2.48 -4.61
N GLY A 368 13.41 1.35 -4.37
CA GLY A 368 12.09 1.06 -4.87
C GLY A 368 11.00 1.97 -4.31
N SER A 369 11.08 2.25 -3.03
CA SER A 369 10.15 3.14 -2.39
C SER A 369 10.30 4.58 -2.85
N GLU A 370 11.54 5.04 -3.07
CA GLU A 370 11.84 6.43 -3.52
C GLU A 370 11.59 6.63 -5.04
N LEU A 371 11.30 5.61 -5.81
CA LEU A 371 11.49 5.68 -7.24
C LEU A 371 10.49 6.64 -7.84
N TYR A 372 9.24 6.55 -7.50
CA TYR A 372 8.21 7.40 -8.12
C TYR A 372 8.55 8.87 -7.89
N ARG A 373 8.79 9.25 -6.63
CA ARG A 373 8.97 10.67 -6.31
C ARG A 373 10.23 11.24 -6.91
N GLN A 374 11.31 10.48 -6.91
CA GLN A 374 12.55 10.90 -7.47
C GLN A 374 12.40 11.04 -8.99
N SER A 375 11.81 10.07 -9.64
CA SER A 375 11.55 10.13 -11.08
C SER A 375 10.71 11.34 -11.43
N LEU A 376 9.66 11.60 -10.66
CA LEU A 376 8.83 12.78 -10.94
C LEU A 376 9.62 14.03 -10.77
N GLU A 377 10.42 14.14 -9.75
CA GLU A 377 11.22 15.31 -9.55
C GLU A 377 12.06 15.65 -10.78
N ILE A 378 12.79 14.66 -11.29
CA ILE A 378 13.69 14.82 -12.40
C ILE A 378 12.87 15.19 -13.64
N ILE A 379 11.81 14.40 -13.94
CA ILE A 379 11.08 14.57 -15.17
C ILE A 379 10.31 15.90 -15.14
N SER A 380 9.65 16.23 -14.04
CA SER A 380 8.94 17.50 -13.94
C SER A 380 9.92 18.64 -14.16
N ARG A 381 11.07 18.63 -13.47
CA ARG A 381 12.00 19.73 -13.59
C ARG A 381 12.51 19.86 -15.03
N TYR A 382 12.81 18.75 -15.71
CA TYR A 382 13.28 18.83 -17.06
C TYR A 382 12.24 19.41 -17.99
N LEU A 383 11.02 18.89 -17.88
CA LEU A 383 9.97 19.40 -18.79
C LEU A 383 9.72 20.87 -18.54
N ARG A 384 9.65 21.29 -17.30
CA ARG A 384 9.35 22.67 -17.00
C ARG A 384 10.46 23.64 -17.42
N GLU A 385 11.73 23.27 -17.19
CA GLU A 385 12.81 24.17 -17.62
C GLU A 385 12.96 24.17 -19.11
N GLN A 386 12.66 23.08 -19.76
CA GLN A 386 12.68 23.04 -21.23
C GLN A 386 11.63 23.97 -21.81
N ALA A 387 10.46 23.95 -21.20
CA ALA A 387 9.32 24.73 -21.69
C ALA A 387 9.55 26.21 -21.52
N THR A 388 10.10 26.62 -20.38
CA THR A 388 10.20 28.04 -20.01
C THR A 388 11.58 28.63 -20.27
N GLY A 389 12.60 27.81 -20.45
CA GLY A 389 13.98 28.26 -20.56
C GLY A 389 14.68 28.54 -19.27
N ALA A 390 14.01 28.47 -18.13
CA ALA A 390 14.56 28.80 -16.84
C ALA A 390 14.47 27.62 -15.87
N ALA A 391 15.55 27.35 -15.13
CA ALA A 391 15.58 26.27 -14.19
C ALA A 391 14.87 26.59 -12.89
N ASP A 392 14.54 25.52 -12.17
CA ASP A 392 13.90 25.56 -10.88
C ASP A 392 15.00 25.69 -9.86
N THR A 393 14.88 26.75 -9.06
CA THR A 393 15.83 27.02 -8.00
C THR A 393 15.61 26.30 -6.68
N ALA A 394 14.47 25.64 -6.51
CA ALA A 394 14.17 24.94 -5.23
C ALA A 394 15.17 23.79 -4.95
N PRO A 395 15.52 23.56 -3.67
CA PRO A 395 16.33 22.36 -3.37
C PRO A 395 15.68 21.07 -3.91
N MET A 396 16.50 20.12 -4.37
CA MET A 396 16.03 18.81 -4.78
C MET A 396 15.50 18.00 -3.62
N GLY A 397 16.05 18.21 -2.41
CA GLY A 397 15.60 17.49 -1.23
C GLY A 397 16.36 16.20 -1.15
N ALA A 398 15.70 15.17 -0.60
CA ALA A 398 16.33 13.90 -0.32
C ALA A 398 16.83 13.19 -1.57
N SER A 399 17.99 12.55 -1.42
CA SER A 399 18.74 11.98 -2.55
C SER A 399 18.94 13.04 -3.64
N GLY A 400 19.24 14.26 -3.19
CA GLY A 400 19.35 15.43 -4.04
C GLY A 400 20.50 15.44 -5.02
N ALA A 401 21.64 14.86 -4.64
CA ALA A 401 22.77 14.79 -5.54
C ALA A 401 22.42 13.95 -6.78
N THR A 402 21.77 12.83 -6.53
CA THR A 402 21.33 11.92 -7.61
C THR A 402 20.32 12.62 -8.52
N SER A 403 19.35 13.30 -7.91
CA SER A 403 18.36 14.07 -8.73
C SER A 403 19.04 15.14 -9.57
N ARG A 404 19.94 15.90 -8.96
CA ARG A 404 20.64 16.90 -9.63
C ARG A 404 21.50 16.39 -10.79
N LYS A 405 22.24 15.32 -10.50
CA LYS A 405 23.11 14.76 -11.54
C LYS A 405 22.31 14.05 -12.65
N ALA A 406 21.18 13.43 -12.28
CA ALA A 406 20.24 12.88 -13.31
C ALA A 406 19.70 13.97 -14.20
N LEU A 407 19.31 15.08 -13.60
CA LEU A 407 18.88 16.22 -14.40
C LEU A 407 19.96 16.77 -15.32
N GLU A 408 21.17 16.91 -14.75
CA GLU A 408 22.29 17.39 -15.57
C GLU A 408 22.56 16.44 -16.79
N THR A 409 22.50 15.13 -16.52
CA THR A 409 22.65 14.10 -17.55
C THR A 409 21.57 14.22 -18.61
N LEU A 410 20.33 14.31 -18.13
CA LEU A 410 19.21 14.34 -19.02
C LEU A 410 19.26 15.63 -19.89
N ARG A 411 19.78 16.75 -19.37
CA ARG A 411 20.00 17.94 -20.17
C ARG A 411 20.90 17.64 -21.37
N ARG A 412 21.99 16.95 -21.14
N ARG A 412 22.00 16.94 -21.13
CA ARG A 412 22.90 16.58 -22.22
CA ARG A 412 22.92 16.58 -22.19
C ARG A 412 22.25 15.63 -23.22
C ARG A 412 22.31 15.61 -23.22
N VAL A 413 21.84 14.47 -22.72
CA VAL A 413 21.36 13.41 -23.60
C VAL A 413 19.97 13.69 -24.20
N GLY A 414 19.12 14.26 -23.38
CA GLY A 414 17.75 14.59 -23.85
C GLY A 414 17.74 15.73 -24.83
N ASP A 415 18.59 16.73 -24.63
CA ASP A 415 18.67 17.81 -25.60
C ASP A 415 19.16 17.25 -26.96
N GLY A 416 20.11 16.32 -26.91
CA GLY A 416 20.59 15.64 -28.08
C GLY A 416 19.54 14.85 -28.83
N VAL A 417 18.72 14.10 -28.07
CA VAL A 417 17.67 13.32 -28.71
C VAL A 417 16.64 14.30 -29.38
N GLN A 418 16.30 15.39 -28.71
CA GLN A 418 15.36 16.36 -29.31
C GLN A 418 15.91 16.95 -30.59
N ARG A 419 17.21 17.23 -30.65
CA ARG A 419 17.79 17.71 -31.91
C ARG A 419 17.82 16.65 -32.98
N ASN A 420 18.32 15.48 -32.64
CA ASN A 420 18.50 14.43 -33.63
C ASN A 420 17.22 13.85 -34.16
N HIS A 421 16.22 13.78 -33.30
CA HIS A 421 14.90 13.28 -33.66
C HIS A 421 13.87 14.39 -33.81
N GLU A 422 14.31 15.61 -34.14
CA GLU A 422 13.35 16.65 -34.37
C GLU A 422 12.32 16.26 -35.39
N THR A 423 12.73 15.58 -36.46
N THR A 423 12.67 15.57 -36.51
CA THR A 423 11.78 15.34 -37.50
CA THR A 423 11.61 15.29 -37.54
C THR A 423 10.69 14.38 -36.99
C THR A 423 10.61 14.23 -37.09
N ALA A 424 11.04 13.25 -36.35
CA ALA A 424 10.05 12.28 -35.81
C ALA A 424 9.18 12.94 -34.74
N PHE A 425 9.80 13.75 -33.91
CA PHE A 425 9.10 14.41 -32.84
C PHE A 425 8.10 15.42 -33.37
N GLN A 426 8.50 16.25 -34.29
CA GLN A 426 7.57 17.21 -34.87
C GLN A 426 6.42 16.48 -35.60
N GLY A 427 6.73 15.43 -36.32
CA GLY A 427 5.70 14.69 -37.02
C GLY A 427 4.67 14.12 -36.08
N MET A 428 5.14 13.51 -35.00
CA MET A 428 4.26 12.82 -34.07
C MET A 428 3.49 13.83 -33.24
N LEU A 429 4.10 14.97 -32.91
CA LEU A 429 3.43 15.99 -32.11
C LEU A 429 2.20 16.41 -32.93
N ARG A 430 2.42 16.72 -34.21
CA ARG A 430 1.29 17.08 -35.15
C ARG A 430 0.20 16.02 -35.22
N LYS A 431 0.54 14.74 -35.32
CA LYS A 431 -0.47 13.64 -35.34
C LYS A 431 -1.28 13.49 -34.06
N LEU A 432 -0.63 13.65 -32.92
CA LEU A 432 -1.28 13.43 -31.63
C LEU A 432 -2.26 14.57 -31.30
N ASP A 433 -1.98 15.76 -31.83
CA ASP A 433 -2.83 16.96 -31.73
C ASP A 433 -3.26 17.26 -30.31
N ILE A 434 -2.31 17.52 -29.44
N ILE A 434 -2.21 17.31 -29.48
CA ILE A 434 -2.56 17.69 -27.99
CA ILE A 434 -2.31 17.39 -28.05
C ILE A 434 -3.00 19.17 -27.77
C ILE A 434 -2.45 18.86 -27.65
N LYS A 435 -4.25 19.45 -27.30
N LYS A 435 -3.70 19.20 -27.29
CA LYS A 435 -4.71 20.83 -27.12
CA LYS A 435 -4.30 20.58 -27.12
C LYS A 435 -4.88 21.24 -25.66
C LYS A 435 -4.63 21.15 -25.69
N ASN A 436 -4.93 20.27 -24.74
CA ASN A 436 -5.43 20.59 -23.36
C ASN A 436 -5.23 19.42 -22.47
N GLU A 437 -5.66 19.58 -21.21
CA GLU A 437 -5.42 18.57 -20.24
C GLU A 437 -6.13 17.28 -20.58
N ASP A 438 -7.37 17.36 -21.12
CA ASP A 438 -8.06 16.14 -21.53
C ASP A 438 -7.25 15.29 -22.53
N ASP A 439 -6.66 15.97 -23.48
CA ASP A 439 -5.77 15.29 -24.45
C ASP A 439 -4.51 14.66 -23.81
N VAL A 440 -3.93 15.37 -22.82
CA VAL A 440 -2.83 14.81 -22.08
C VAL A 440 -3.21 13.58 -21.30
N LYS A 441 -4.38 13.57 -20.63
CA LYS A 441 -4.77 12.36 -19.86
C LYS A 441 -5.09 11.17 -20.76
N SER A 442 -5.41 11.42 -22.03
CA SER A 442 -5.70 10.36 -23.00
C SER A 442 -4.44 9.67 -23.52
N LEU A 443 -3.26 10.24 -23.28
CA LEU A 443 -2.02 9.69 -23.81
C LEU A 443 -1.58 8.39 -23.13
N SER A 444 -1.86 8.22 -21.84
CA SER A 444 -1.33 7.11 -21.04
C SER A 444 -1.47 5.74 -21.69
N ARG A 445 -2.67 5.38 -22.16
CA ARG A 445 -2.90 4.04 -22.78
C ARG A 445 -1.93 3.71 -23.93
N VAL A 446 -1.87 4.64 -24.86
CA VAL A 446 -0.97 4.51 -26.04
C VAL A 446 0.52 4.58 -25.63
N MET A 447 0.85 5.48 -24.71
N MET A 447 0.88 5.48 -24.72
CA MET A 447 2.23 5.62 -24.23
CA MET A 447 2.28 5.56 -24.22
C MET A 447 2.74 4.32 -23.61
C MET A 447 2.77 4.27 -23.60
N ILE A 448 1.91 3.67 -22.76
CA ILE A 448 2.25 2.38 -22.14
C ILE A 448 2.50 1.29 -23.21
N HIS A 449 1.64 1.29 -24.21
CA HIS A 449 1.73 0.29 -25.32
C HIS A 449 3.05 0.38 -26.03
N VAL A 450 3.41 1.59 -26.41
CA VAL A 450 4.61 1.85 -27.18
C VAL A 450 5.85 1.57 -26.35
N PHE A 451 5.90 2.16 -25.16
CA PHE A 451 7.07 2.06 -24.32
C PHE A 451 7.29 0.65 -23.79
N SER A 452 6.22 -0.09 -23.41
CA SER A 452 6.40 -1.44 -22.83
C SER A 452 6.73 -2.54 -23.86
N ASP A 453 6.43 -2.33 -25.13
CA ASP A 453 6.86 -3.24 -26.22
C ASP A 453 8.37 -3.04 -26.51
N GLY A 454 9.12 -4.10 -26.79
CA GLY A 454 10.52 -3.98 -27.19
C GLY A 454 11.48 -4.02 -26.03
N VAL A 455 12.73 -3.76 -26.33
CA VAL A 455 13.83 -3.89 -25.41
C VAL A 455 13.74 -2.79 -24.34
N THR A 456 14.39 -3.02 -23.21
CA THR A 456 14.54 -2.08 -22.15
C THR A 456 15.94 -1.57 -22.11
N ASN A 457 16.07 -0.24 -22.17
CA ASN A 457 17.36 0.39 -21.96
C ASN A 457 17.20 1.85 -21.60
N TRP A 458 18.28 2.45 -21.15
CA TRP A 458 18.25 3.85 -20.78
C TRP A 458 17.95 4.76 -22.00
N GLY A 459 18.35 4.39 -23.21
CA GLY A 459 18.10 5.23 -24.38
C GLY A 459 16.63 5.46 -24.62
N ARG A 460 15.84 4.40 -24.49
CA ARG A 460 14.44 4.51 -24.69
C ARG A 460 13.69 5.32 -23.61
N ILE A 461 14.23 5.25 -22.40
CA ILE A 461 13.77 6.10 -21.30
C ILE A 461 14.04 7.57 -21.66
N VAL A 462 15.23 7.85 -22.17
CA VAL A 462 15.53 9.20 -22.66
C VAL A 462 14.56 9.62 -23.76
N THR A 463 14.23 8.77 -24.71
CA THR A 463 13.29 9.17 -25.76
C THR A 463 11.92 9.50 -25.15
N LEU A 464 11.45 8.69 -24.21
CA LEU A 464 10.18 8.95 -23.51
C LEU A 464 10.16 10.34 -22.91
N ILE A 465 11.19 10.63 -22.12
CA ILE A 465 11.26 11.87 -21.40
C ILE A 465 11.52 13.07 -22.32
N SER A 466 12.35 12.86 -23.33
CA SER A 466 12.68 13.93 -24.30
C SER A 466 11.47 14.34 -25.17
N PHE A 467 10.66 13.37 -25.58
CA PHE A 467 9.43 13.73 -26.27
C PHE A 467 8.52 14.42 -25.31
N GLY A 468 8.51 14.06 -24.04
CA GLY A 468 7.77 14.80 -23.07
C GLY A 468 8.16 16.27 -23.01
N ALA A 469 9.48 16.56 -23.01
CA ALA A 469 9.96 17.89 -23.06
C ALA A 469 9.55 18.64 -24.35
N PHE A 470 9.57 17.94 -25.46
CA PHE A 470 9.16 18.47 -26.74
C PHE A 470 7.67 18.87 -26.68
N VAL A 471 6.85 18.03 -26.11
CA VAL A 471 5.41 18.33 -25.92
C VAL A 471 5.24 19.45 -24.93
N ALA A 472 6.02 19.49 -23.84
CA ALA A 472 5.89 20.56 -22.88
C ALA A 472 6.23 21.93 -23.47
N LYS A 473 7.23 22.00 -24.33
CA LYS A 473 7.54 23.25 -25.01
C LYS A 473 6.34 23.73 -25.85
N HIS A 474 5.71 22.80 -26.54
CA HIS A 474 4.51 23.10 -27.32
C HIS A 474 3.42 23.62 -26.39
N LEU A 475 3.15 22.91 -25.28
CA LEU A 475 2.10 23.30 -24.35
C LEU A 475 2.31 24.72 -23.86
N LYS A 476 3.53 25.14 -23.54
CA LYS A 476 3.83 26.45 -23.02
C LYS A 476 3.53 27.49 -24.12
N THR A 477 3.92 27.21 -25.35
N THR A 477 3.95 27.18 -25.37
CA THR A 477 3.79 28.17 -26.43
CA THR A 477 3.76 28.09 -26.55
C THR A 477 2.35 28.35 -26.85
C THR A 477 2.32 28.45 -26.63
N ILE A 478 1.45 27.41 -26.55
CA ILE A 478 -0.03 27.63 -26.77
C ILE A 478 -0.85 27.98 -25.51
N ASN A 479 -0.16 28.47 -24.48
CA ASN A 479 -0.84 28.95 -23.26
C ASN A 479 -1.52 27.79 -22.53
N GLN A 480 -0.87 26.61 -22.54
CA GLN A 480 -1.37 25.46 -21.81
C GLN A 480 -0.28 24.95 -20.84
N GLU A 481 0.44 25.89 -20.23
CA GLU A 481 1.51 25.56 -19.28
C GLU A 481 0.98 24.75 -18.10
N SER A 482 -0.28 24.93 -17.72
CA SER A 482 -0.92 24.12 -16.67
C SER A 482 -0.98 22.63 -16.94
N CYS A 483 -0.81 22.24 -18.21
CA CYS A 483 -0.80 20.85 -18.60
C CYS A 483 0.54 20.14 -18.41
N ILE A 484 1.58 20.91 -18.14
CA ILE A 484 2.93 20.31 -18.03
C ILE A 484 3.10 19.39 -16.86
N GLU A 485 2.66 19.82 -15.69
CA GLU A 485 2.77 18.93 -14.51
C GLU A 485 1.92 17.62 -14.67
N PRO A 486 0.66 17.68 -15.15
CA PRO A 486 -0.03 16.43 -15.45
C PRO A 486 0.70 15.51 -16.47
N LEU A 487 1.33 16.15 -17.44
CA LEU A 487 2.13 15.41 -18.44
C LEU A 487 3.31 14.68 -17.77
N ALA A 488 4.02 15.43 -16.93
CA ALA A 488 5.13 14.86 -16.20
C ALA A 488 4.69 13.71 -15.29
N GLU A 489 3.56 13.89 -14.63
CA GLU A 489 3.02 12.82 -13.80
C GLU A 489 2.68 11.56 -14.60
N SER A 490 2.07 11.74 -15.76
CA SER A 490 1.73 10.65 -16.64
C SER A 490 2.95 9.87 -17.12
N ILE A 491 3.95 10.62 -17.59
CA ILE A 491 5.20 9.98 -18.05
C ILE A 491 5.88 9.19 -16.90
N THR A 492 5.90 9.81 -15.72
CA THR A 492 6.52 9.18 -14.56
C THR A 492 5.78 7.88 -14.22
N ASP A 493 4.46 7.93 -14.27
CA ASP A 493 3.69 6.72 -13.95
C ASP A 493 3.96 5.61 -14.95
N VAL A 494 4.01 5.95 -16.23
CA VAL A 494 4.35 4.95 -17.26
C VAL A 494 5.73 4.36 -17.00
N LEU A 495 6.71 5.21 -16.76
CA LEU A 495 8.04 4.74 -16.54
C LEU A 495 8.18 3.78 -15.35
N VAL A 496 7.71 4.22 -14.20
CA VAL A 496 7.95 3.44 -12.98
C VAL A 496 7.11 2.18 -12.92
N ARG A 497 5.88 2.24 -13.44
N ARG A 497 5.90 2.23 -13.48
CA ARG A 497 5.03 1.02 -13.44
CA ARG A 497 4.98 1.05 -13.43
C ARG A 497 5.67 -0.02 -14.34
C ARG A 497 5.37 -0.02 -14.47
N THR A 498 6.02 0.38 -15.56
CA THR A 498 6.43 -0.58 -16.57
C THR A 498 7.83 -1.09 -16.34
N LYS A 499 8.71 -0.30 -15.71
CA LYS A 499 10.12 -0.64 -15.53
C LYS A 499 10.67 -0.74 -14.11
N ARG A 500 9.74 -0.84 -13.14
N ARG A 500 9.74 -0.88 -13.15
N ARG A 500 9.77 -0.89 -13.13
CA ARG A 500 10.13 -0.94 -11.72
CA ARG A 500 10.02 -1.01 -11.71
CA ARG A 500 10.18 -0.91 -11.71
C ARG A 500 11.36 -1.82 -11.41
C ARG A 500 11.27 -1.84 -11.37
C ARG A 500 11.35 -1.83 -11.39
N ASP A 501 11.23 -3.11 -11.77
CA ASP A 501 12.24 -4.10 -11.38
C ASP A 501 13.59 -3.83 -12.05
N TRP A 502 13.53 -3.39 -13.34
CA TRP A 502 14.75 -3.05 -14.06
C TRP A 502 15.43 -1.84 -13.47
N LEU A 503 14.57 -0.82 -13.17
CA LEU A 503 15.07 0.37 -12.54
C LEU A 503 15.81 0.09 -11.24
N VAL A 504 15.15 -0.73 -10.37
CA VAL A 504 15.84 -1.07 -9.08
C VAL A 504 17.19 -1.83 -9.31
N LYS A 505 17.17 -2.70 -10.28
CA LYS A 505 18.40 -3.42 -10.68
C LYS A 505 19.55 -2.50 -11.15
N GLN A 506 19.21 -1.34 -11.74
CA GLN A 506 20.23 -0.25 -12.07
C GLN A 506 20.70 0.69 -11.02
N ARG A 507 20.24 0.51 -9.78
N ARG A 507 20.23 0.47 -9.79
CA ARG A 507 20.42 1.49 -8.70
CA ARG A 507 20.36 1.41 -8.69
C ARG A 507 19.70 2.78 -9.12
C ARG A 507 19.69 2.72 -9.09
N GLY A 508 18.52 2.58 -9.73
CA GLY A 508 17.65 3.69 -10.16
C GLY A 508 18.40 4.73 -11.00
N TRP A 509 18.24 5.96 -10.58
CA TRP A 509 18.78 7.08 -11.31
C TRP A 509 20.30 7.20 -11.17
N ASP A 510 20.89 6.56 -10.14
CA ASP A 510 22.37 6.49 -10.11
C ASP A 510 22.93 5.69 -11.29
N GLY A 511 22.19 4.63 -11.69
CA GLY A 511 22.51 3.83 -12.88
C GLY A 511 22.52 4.69 -14.14
N PHE A 512 21.52 5.55 -14.26
CA PHE A 512 21.39 6.42 -15.42
C PHE A 512 22.56 7.36 -15.51
N VAL A 513 22.94 7.99 -14.38
CA VAL A 513 24.02 8.91 -14.36
C VAL A 513 25.33 8.20 -14.76
N GLU A 514 25.54 7.02 -14.19
CA GLU A 514 26.75 6.25 -14.56
C GLU A 514 26.79 5.83 -16.03
N PHE A 515 25.65 5.39 -16.55
CA PHE A 515 25.52 4.91 -17.92
C PHE A 515 25.95 5.98 -18.95
N PHE A 516 25.55 7.24 -18.70
CA PHE A 516 25.85 8.35 -19.60
C PHE A 516 27.02 9.25 -19.15
N HIS A 517 27.83 8.77 -18.20
CA HIS A 517 29.00 9.50 -17.72
C HIS A 517 29.98 9.73 -18.88
N VAL A 518 30.43 10.99 -19.02
CA VAL A 518 31.46 11.38 -20.00
C VAL A 518 32.78 11.23 -19.30
C1 GLC B . -4.91 -8.33 6.76
C2 GLC B . -5.12 -6.83 6.93
C3 GLC B . -4.43 -6.06 5.80
C4 GLC B . -2.97 -6.51 5.59
C5 GLC B . -2.97 -8.01 5.31
C6 GLC B . -1.54 -8.52 5.29
O1 GLC B . -5.67 -8.74 5.70
O2 GLC B . -6.51 -6.48 6.94
O3 GLC B . -4.45 -4.66 6.14
O4 GLC B . -2.49 -5.80 4.46
O5 GLC B . -3.62 -8.66 6.41
O6 GLC B . -1.44 -9.78 4.64
C1 GLC B . -1.60 -4.72 4.73
C2 GLC B . -1.94 -3.57 3.77
C3 GLC B . -1.69 -4.05 2.34
C4 GLC B . -0.25 -4.50 2.16
C5 GLC B . 0.07 -5.56 3.21
C6 GLC B . 1.57 -5.84 3.18
O2 GLC B . -3.31 -3.17 3.99
O3 GLC B . -2.06 -2.96 1.43
O4 GLC B . -0.05 -5.00 0.84
O5 GLC B . -0.23 -5.11 4.54
O6 GLC B . 1.86 -7.08 3.87
C2 A1CMI C . 10.51 4.53 -27.99
C4 A1CMI C . 9.97 5.75 -28.56
C5 A1CMI C . 10.01 6.16 -29.89
C6 A1CMI C . 10.62 5.29 -30.99
C7 A1CMI C . 9.36 7.43 -29.99
C8 A1CMI C . 8.89 7.76 -28.67
C11 A1CMI C . 7.93 6.01 -25.85
C12 A1CMI C . 6.65 6.58 -26.28
C15 A1CMI C . 4.30 8.07 -26.77
C16 A1CMI C . 3.14 8.81 -26.96
C18 A1CMI C . 3.18 8.62 -29.62
C19 A1CMI C . 3.92 7.52 -30.36
C21 A1CMI C . 5.44 6.10 -31.25
C24 A1CMI C . 7.33 7.40 -33.63
C27 A1CMI C . 9.09 8.29 -31.06
C30 A1CMI C . 8.21 8.91 -28.45
C32 A1CMI C . 10.88 8.09 -32.84
C33 A1CMI C . 12.14 8.44 -32.06
C36 A1CMI C . 12.06 7.67 -35.03
C39 A1CMI C . 1.90 6.32 -31.34
C40 A1CMI C . 2.92 10.06 -26.37
O1 A1CMI C . 9.77 3.88 -27.06
O3 A1CMI C . 11.58 4.05 -28.29
N9 A1CMI C . 9.28 6.75 -27.86
C10 A1CMI C . 9.10 6.81 -26.40
O13 A1CMI C . 6.46 7.86 -25.69
C14 A1CMI C . 5.34 8.54 -25.92
S17 A1CMI C . 2.04 8.17 -28.13
C20 A1CMI C . 5.26 7.28 -30.49
C22 A1CMI C . 6.68 5.38 -31.72
S23 A1CMI C . 6.94 5.60 -33.55
C25 A1CMI C . 8.82 7.62 -33.56
C26 A1CMI C . 9.54 8.01 -32.43
C28 A1CMI C . 8.40 9.46 -30.78
C29 A1CMI C . 7.93 9.76 -29.46
CL31 A1CMI C . 7.96 10.56 -32.05
N34 A1CMI C . 10.89 7.74 -34.13
N35 A1CMI C . 9.63 7.48 -34.58
N37 A1CMI C . 4.27 5.68 -31.61
N38 A1CMI C . 3.32 6.54 -31.10
C41 A1CMI C . 3.94 10.56 -25.47
C42 A1CMI C . 5.14 9.79 -25.30
C43 A1CMI C . 6.16 10.29 -24.43
C44 A1CMI C . 6.02 11.50 -23.82
C45 A1CMI C . 4.86 12.27 -24.03
C46 A1CMI C . 3.84 11.81 -24.85
#